data_6VIX
#
_entry.id   6VIX
#
_cell.length_a   162.420
_cell.length_b   40.710
_cell.length_c   86.300
_cell.angle_alpha   90.000
_cell.angle_beta   106.050
_cell.angle_gamma   90.000
#
_symmetry.space_group_name_H-M   'C 1 2 1'
#
loop_
_entity.id
_entity.type
_entity.pdbx_description
1 polymer 'Bromodomain-containing protein 4'
2 non-polymer 4-[2-(2,4-difluorophenoxy)-5-(methylsulfonyl)phenyl]-N-ethyl-6-methyl-7-oxo-6,7-dihydro-1H-pyrrolo[2,3-c]pyridine-2-carboxamide
3 water water
#
_entity_poly.entity_id   1
_entity_poly.type   'polypeptide(L)'
_entity_poly.pdbx_seq_one_letter_code
;GSHMEQLKCCSGILKEMFAKKHAAYAWPFYKPVDVEALGLHDYCDIIKHPMDMSTIKSKLEAREYRDAQEFGADVRLMFS
NCYKYNPPDHEVVAMARKLQDVFEMRFAKM
;
_entity_poly.pdbx_strand_id   A,B,C,D
#
loop_
_chem_comp.id
_chem_comp.type
_chem_comp.name
_chem_comp.formula
QYV non-polymer 4-[2-(2,4-difluorophenoxy)-5-(methylsulfonyl)phenyl]-N-ethyl-6-methyl-7-oxo-6,7-dihydro-1H-pyrrolo[2,3-c]pyridine-2-carboxamide 'C24 H21 F2 N3 O5 S'
#
# COMPACT_ATOMS: atom_id res chain seq x y z
N HIS A 3 -20.47 -28.49 -3.36
CA HIS A 3 -20.56 -27.66 -2.17
C HIS A 3 -19.24 -27.65 -1.36
N MET A 4 -18.86 -28.80 -0.76
CA MET A 4 -17.63 -28.91 0.05
C MET A 4 -16.38 -28.93 -0.80
N GLU A 5 -16.45 -29.51 -2.01
CA GLU A 5 -15.34 -29.63 -2.97
C GLU A 5 -14.80 -28.27 -3.42
N GLN A 6 -15.64 -27.24 -3.35
CA GLN A 6 -15.38 -25.86 -3.73
C GLN A 6 -14.50 -25.09 -2.72
N LEU A 7 -14.56 -25.48 -1.43
CA LEU A 7 -13.82 -24.80 -0.35
C LEU A 7 -12.30 -24.93 -0.46
N LYS A 8 -11.79 -26.01 -1.10
CA LYS A 8 -10.32 -26.11 -1.29
C LYS A 8 -9.85 -25.07 -2.34
N CYS A 9 -10.74 -24.72 -3.31
CA CYS A 9 -10.49 -23.66 -4.30
C CYS A 9 -10.51 -22.30 -3.57
N CYS A 10 -11.36 -22.15 -2.53
CA CYS A 10 -11.50 -20.94 -1.72
C CYS A 10 -10.22 -20.65 -0.94
N SER A 11 -9.56 -21.69 -0.43
CA SER A 11 -8.26 -21.52 0.23
C SER A 11 -7.21 -21.01 -0.77
N GLY A 12 -7.23 -21.54 -1.99
CA GLY A 12 -6.32 -21.11 -3.06
C GLY A 12 -6.56 -19.67 -3.49
N ILE A 13 -7.83 -19.22 -3.52
CA ILE A 13 -8.17 -17.84 -3.86
C ILE A 13 -7.65 -16.90 -2.78
N LEU A 14 -7.90 -17.22 -1.51
CA LEU A 14 -7.42 -16.41 -0.40
C LEU A 14 -5.92 -16.36 -0.34
N LYS A 15 -5.24 -17.49 -0.64
CA LYS A 15 -3.78 -17.56 -0.69
C LYS A 15 -3.26 -16.61 -1.77
N GLU A 16 -3.90 -16.61 -2.96
CA GLU A 16 -3.57 -15.72 -4.06
C GLU A 16 -3.78 -14.24 -3.66
N MET A 17 -4.85 -13.93 -2.90
CA MET A 17 -5.09 -12.55 -2.44
C MET A 17 -4.01 -12.07 -1.43
N PHE A 18 -3.40 -13.01 -0.68
CA PHE A 18 -2.33 -12.68 0.27
C PHE A 18 -0.93 -12.67 -0.42
N ALA A 19 -0.85 -12.91 -1.74
CA ALA A 19 0.44 -13.00 -2.44
C ALA A 19 1.11 -11.65 -2.62
N LYS A 20 2.46 -11.62 -2.55
CA LYS A 20 3.25 -10.38 -2.63
C LYS A 20 3.00 -9.56 -3.89
N LYS A 21 2.66 -10.19 -5.04
CA LYS A 21 2.38 -9.40 -6.25
C LYS A 21 1.15 -8.52 -6.09
N HIS A 22 0.23 -8.86 -5.14
CA HIS A 22 -0.94 -8.03 -4.93
C HIS A 22 -0.80 -7.05 -3.76
N ALA A 23 0.26 -7.17 -2.94
CA ALA A 23 0.51 -6.43 -1.71
C ALA A 23 0.34 -4.90 -1.76
N ALA A 24 0.71 -4.23 -2.86
CA ALA A 24 0.59 -2.77 -2.96
C ALA A 24 -0.86 -2.26 -2.85
N TYR A 25 -1.85 -3.08 -3.16
CA TYR A 25 -3.26 -2.70 -3.04
C TYR A 25 -4.05 -3.62 -2.11
N ALA A 26 -3.55 -4.81 -1.80
CA ALA A 26 -4.26 -5.77 -0.94
C ALA A 26 -4.06 -5.55 0.55
N TRP A 27 -2.92 -4.92 0.95
CA TRP A 27 -2.57 -4.75 2.38
C TRP A 27 -3.69 -4.16 3.24
N PRO A 28 -4.56 -3.20 2.80
CA PRO A 28 -5.58 -2.67 3.73
C PRO A 28 -6.66 -3.69 4.11
N PHE A 29 -6.66 -4.87 3.47
CA PHE A 29 -7.68 -5.90 3.70
C PHE A 29 -7.17 -7.15 4.41
N TYR A 30 -5.85 -7.25 4.66
CA TYR A 30 -5.25 -8.41 5.33
C TYR A 30 -5.83 -8.62 6.72
N LYS A 31 -6.02 -7.53 7.45
CA LYS A 31 -6.42 -7.57 8.84
C LYS A 31 -7.56 -6.60 9.13
N PRO A 32 -8.26 -6.78 10.27
CA PRO A 32 -9.35 -5.86 10.63
C PRO A 32 -8.91 -4.41 10.62
N VAL A 33 -9.83 -3.48 10.29
CA VAL A 33 -9.48 -2.05 10.29
C VAL A 33 -9.13 -1.63 11.72
N ASP A 34 -7.92 -1.10 11.93
CA ASP A 34 -7.47 -0.67 13.26
C ASP A 34 -8.08 0.72 13.51
N VAL A 35 -9.33 0.75 14.01
CA VAL A 35 -10.07 1.97 14.25
C VAL A 35 -9.38 2.88 15.28
N GLU A 36 -8.77 2.30 16.33
CA GLU A 36 -8.07 3.09 17.34
C GLU A 36 -6.83 3.80 16.78
N ALA A 37 -6.01 3.10 16.01
CA ALA A 37 -4.82 3.69 15.41
C ALA A 37 -5.17 4.76 14.36
N LEU A 38 -6.30 4.58 13.66
CA LEU A 38 -6.70 5.56 12.63
C LEU A 38 -7.64 6.67 13.16
N GLY A 39 -8.10 6.53 14.41
CA GLY A 39 -9.04 7.44 15.04
C GLY A 39 -10.42 7.41 14.43
N LEU A 40 -10.85 6.24 13.90
CA LEU A 40 -12.17 6.10 13.27
C LEU A 40 -13.20 5.63 14.32
N HIS A 41 -13.71 6.56 15.13
CA HIS A 41 -14.65 6.25 16.23
C HIS A 41 -16.04 5.80 15.80
N ASP A 42 -16.45 6.10 14.56
CA ASP A 42 -17.79 5.75 14.05
C ASP A 42 -17.83 4.49 13.17
N TYR A 43 -16.68 3.84 12.88
CA TYR A 43 -16.64 2.69 11.98
C TYR A 43 -17.61 1.58 12.38
N CYS A 44 -17.60 1.19 13.65
CA CYS A 44 -18.47 0.14 14.17
C CYS A 44 -19.99 0.57 14.19
N ASP A 45 -20.28 1.88 14.10
CA ASP A 45 -21.67 2.36 14.01
C ASP A 45 -22.22 2.24 12.59
N ILE A 46 -21.37 2.34 11.57
CA ILE A 46 -21.80 2.29 10.17
C ILE A 46 -21.68 0.87 9.61
N ILE A 47 -20.57 0.20 9.92
CA ILE A 47 -20.26 -1.15 9.50
C ILE A 47 -20.64 -2.12 10.62
N LYS A 48 -21.78 -2.77 10.46
CA LYS A 48 -22.31 -3.71 11.43
C LYS A 48 -21.59 -5.05 11.44
N HIS A 49 -21.08 -5.46 10.27
CA HIS A 49 -20.38 -6.72 10.16
C HIS A 49 -19.01 -6.51 9.53
N PRO A 50 -18.00 -6.13 10.35
CA PRO A 50 -16.65 -5.96 9.78
C PRO A 50 -16.12 -7.28 9.22
N MET A 51 -15.31 -7.21 8.15
CA MET A 51 -14.75 -8.42 7.56
C MET A 51 -13.41 -8.10 6.92
N ASP A 52 -12.46 -9.01 7.04
CA ASP A 52 -11.13 -8.88 6.45
C ASP A 52 -10.66 -10.28 6.08
N MET A 53 -9.57 -10.37 5.34
CA MET A 53 -8.99 -11.63 4.86
C MET A 53 -8.55 -12.59 5.95
N SER A 54 -7.97 -12.08 7.05
CA SER A 54 -7.58 -12.96 8.17
C SER A 54 -8.78 -13.59 8.84
N THR A 55 -9.87 -12.84 9.03
CA THR A 55 -11.08 -13.37 9.61
C THR A 55 -11.70 -14.42 8.72
N ILE A 56 -11.70 -14.19 7.38
CA ILE A 56 -12.25 -15.15 6.40
C ILE A 56 -11.44 -16.43 6.42
N LYS A 57 -10.10 -16.33 6.50
CA LYS A 57 -9.21 -17.51 6.63
C LYS A 57 -9.56 -18.32 7.91
N SER A 58 -9.81 -17.63 9.03
CA SER A 58 -10.19 -18.29 10.30
C SER A 58 -11.53 -19.00 10.16
N LYS A 59 -12.53 -18.34 9.53
CA LYS A 59 -13.84 -18.96 9.36
C LYS A 59 -13.76 -20.15 8.39
N LEU A 60 -12.95 -20.05 7.35
CA LEU A 60 -12.74 -21.10 6.37
C LEU A 60 -12.08 -22.32 7.01
N GLU A 61 -11.01 -22.13 7.79
CA GLU A 61 -10.35 -23.24 8.48
C GLU A 61 -11.28 -23.88 9.53
N ALA A 62 -12.17 -23.09 10.16
CA ALA A 62 -13.14 -23.61 11.12
C ALA A 62 -14.38 -24.25 10.45
N ARG A 63 -14.38 -24.35 9.08
CA ARG A 63 -15.43 -24.94 8.29
C ARG A 63 -16.77 -24.26 8.48
N GLU A 64 -16.73 -22.91 8.61
CA GLU A 64 -17.94 -22.11 8.79
C GLU A 64 -18.67 -21.77 7.50
N TYR A 65 -18.03 -22.01 6.33
CA TYR A 65 -18.68 -21.79 5.04
C TYR A 65 -19.11 -23.16 4.52
N ARG A 66 -20.40 -23.31 4.21
CA ARG A 66 -20.93 -24.57 3.67
C ARG A 66 -20.47 -24.77 2.23
N ASP A 67 -20.26 -23.69 1.48
CA ASP A 67 -19.87 -23.77 0.07
C ASP A 67 -19.15 -22.48 -0.39
N ALA A 68 -18.72 -22.42 -1.66
CA ALA A 68 -18.03 -21.27 -2.22
C ALA A 68 -18.85 -20.00 -2.18
N GLN A 69 -20.17 -20.11 -2.30
CA GLN A 69 -21.07 -18.95 -2.28
C GLN A 69 -21.05 -18.24 -0.93
N GLU A 70 -21.05 -19.02 0.17
CA GLU A 70 -20.95 -18.49 1.53
C GLU A 70 -19.59 -17.80 1.74
N PHE A 71 -18.50 -18.39 1.21
CA PHE A 71 -17.16 -17.81 1.29
C PHE A 71 -17.11 -16.48 0.46
N GLY A 72 -17.63 -16.51 -0.77
CA GLY A 72 -17.65 -15.36 -1.65
C GLY A 72 -18.50 -14.23 -1.09
N ALA A 73 -19.57 -14.57 -0.34
CA ALA A 73 -20.40 -13.54 0.29
C ALA A 73 -19.61 -12.74 1.34
N ASP A 74 -18.67 -13.39 2.09
CA ASP A 74 -17.86 -12.71 3.10
C ASP A 74 -16.77 -11.87 2.43
N VAL A 75 -16.21 -12.36 1.32
CA VAL A 75 -15.24 -11.57 0.55
C VAL A 75 -15.91 -10.29 0.01
N ARG A 76 -17.13 -10.43 -0.50
CA ARG A 76 -17.85 -9.30 -1.06
C ARG A 76 -18.34 -8.34 0.00
N LEU A 77 -18.67 -8.85 1.20
CA LEU A 77 -19.02 -8.05 2.39
C LEU A 77 -17.80 -7.16 2.74
N MET A 78 -16.58 -7.75 2.72
CA MET A 78 -15.35 -6.99 2.97
C MET A 78 -15.23 -5.79 2.00
N PHE A 79 -15.33 -6.02 0.68
CA PHE A 79 -15.30 -4.92 -0.30
C PHE A 79 -16.47 -3.93 -0.15
N SER A 80 -17.71 -4.41 0.08
CA SER A 80 -18.89 -3.55 0.26
C SER A 80 -18.73 -2.65 1.47
N ASN A 81 -18.14 -3.17 2.58
CA ASN A 81 -17.88 -2.39 3.80
C ASN A 81 -17.00 -1.19 3.44
N CYS A 82 -15.98 -1.45 2.64
CA CYS A 82 -15.06 -0.44 2.13
C CYS A 82 -15.77 0.59 1.23
N TYR A 83 -16.61 0.14 0.30
CA TYR A 83 -17.36 1.07 -0.60
C TYR A 83 -18.42 1.87 0.18
N LYS A 84 -18.96 1.29 1.26
CA LYS A 84 -19.96 1.96 2.07
C LYS A 84 -19.37 3.00 3.00
N TYR A 85 -18.32 2.65 3.75
CA TYR A 85 -17.76 3.53 4.76
C TYR A 85 -17.00 4.72 4.22
N ASN A 86 -16.23 4.49 3.17
CA ASN A 86 -15.31 5.50 2.66
C ASN A 86 -15.87 6.45 1.61
N PRO A 87 -15.32 7.68 1.48
CA PRO A 87 -15.71 8.53 0.35
C PRO A 87 -15.27 7.86 -0.96
N PRO A 88 -16.05 7.98 -2.05
CA PRO A 88 -15.72 7.25 -3.28
C PRO A 88 -14.35 7.53 -3.90
N ASP A 89 -13.77 8.66 -3.54
CA ASP A 89 -12.49 9.12 -4.06
C ASP A 89 -11.29 8.75 -3.19
N HIS A 90 -11.52 8.11 -2.01
CA HIS A 90 -10.45 7.71 -1.11
C HIS A 90 -9.59 6.64 -1.78
N GLU A 91 -8.29 6.64 -1.47
CA GLU A 91 -7.34 5.71 -2.06
C GLU A 91 -7.68 4.25 -1.76
N VAL A 92 -8.19 3.95 -0.55
CA VAL A 92 -8.53 2.58 -0.16
C VAL A 92 -9.63 2.00 -1.07
N VAL A 93 -10.54 2.84 -1.62
CA VAL A 93 -11.61 2.41 -2.54
C VAL A 93 -11.02 1.95 -3.89
N ALA A 94 -10.02 2.70 -4.39
CA ALA A 94 -9.33 2.30 -5.61
C ALA A 94 -8.55 0.99 -5.34
N MET A 95 -7.99 0.81 -4.13
CA MET A 95 -7.26 -0.41 -3.79
C MET A 95 -8.20 -1.61 -3.67
N ALA A 96 -9.38 -1.40 -3.10
CA ALA A 96 -10.42 -2.42 -2.99
C ALA A 96 -10.86 -2.89 -4.37
N ARG A 97 -10.99 -1.98 -5.35
CA ARG A 97 -11.37 -2.35 -6.72
C ARG A 97 -10.32 -3.23 -7.38
N LYS A 98 -9.04 -2.91 -7.18
CA LYS A 98 -7.95 -3.74 -7.75
C LYS A 98 -7.92 -5.12 -7.10
N LEU A 99 -8.10 -5.20 -5.76
CA LEU A 99 -8.12 -6.51 -5.12
C LEU A 99 -9.40 -7.28 -5.53
N GLN A 100 -10.54 -6.60 -5.62
CA GLN A 100 -11.77 -7.27 -6.05
C GLN A 100 -11.62 -7.89 -7.47
N ASP A 101 -10.91 -7.22 -8.43
CA ASP A 101 -10.68 -7.79 -9.78
C ASP A 101 -9.92 -9.12 -9.66
N VAL A 102 -8.90 -9.20 -8.76
CA VAL A 102 -8.14 -10.42 -8.53
C VAL A 102 -9.10 -11.48 -8.00
N PHE A 103 -9.89 -11.12 -6.99
CA PHE A 103 -10.86 -12.06 -6.43
C PHE A 103 -11.88 -12.56 -7.49
N GLU A 104 -12.60 -11.63 -8.14
CA GLU A 104 -13.64 -11.98 -9.11
C GLU A 104 -13.13 -12.86 -10.24
N MET A 105 -11.91 -12.61 -10.74
CA MET A 105 -11.31 -13.42 -11.79
C MET A 105 -11.09 -14.87 -11.34
N ARG A 106 -10.42 -15.09 -10.19
CA ARG A 106 -10.17 -16.45 -9.71
C ARG A 106 -11.45 -17.11 -9.24
N PHE A 107 -12.36 -16.34 -8.65
CA PHE A 107 -13.63 -16.87 -8.16
C PHE A 107 -14.52 -17.41 -9.28
N ALA A 108 -14.57 -16.71 -10.42
CA ALA A 108 -15.36 -17.10 -11.59
C ALA A 108 -14.74 -18.33 -12.30
N LYS A 109 -13.41 -18.43 -12.26
CA LYS A 109 -12.67 -19.51 -12.90
C LYS A 109 -12.45 -20.67 -11.93
N HIS B 3 35.82 -2.44 13.78
CA HIS B 3 35.73 -1.22 12.98
C HIS B 3 36.31 -1.39 11.58
N MET B 4 37.27 -2.31 11.40
CA MET B 4 37.87 -2.53 10.08
C MET B 4 36.90 -3.30 9.17
N GLU B 5 36.16 -4.28 9.71
CA GLU B 5 35.18 -5.04 8.92
C GLU B 5 34.04 -4.11 8.45
N GLN B 6 33.64 -3.17 9.33
CA GLN B 6 32.59 -2.19 9.05
C GLN B 6 32.99 -1.29 7.89
N LEU B 7 34.27 -0.84 7.84
CA LEU B 7 34.79 0.09 6.81
C LEU B 7 35.16 -0.59 5.46
N LYS B 8 35.29 -1.93 5.44
CA LYS B 8 35.44 -2.65 4.15
C LYS B 8 34.03 -2.69 3.49
N CYS B 9 32.99 -2.84 4.31
CA CYS B 9 31.61 -2.82 3.89
C CYS B 9 31.20 -1.40 3.45
N CYS B 10 31.76 -0.35 4.10
CA CYS B 10 31.49 1.03 3.73
C CYS B 10 31.96 1.33 2.32
N SER B 11 33.14 0.79 1.89
CA SER B 11 33.69 0.92 0.55
C SER B 11 32.79 0.27 -0.48
N GLY B 12 32.24 -0.90 -0.14
CA GLY B 12 31.28 -1.62 -0.98
C GLY B 12 30.01 -0.81 -1.16
N ILE B 13 29.52 -0.18 -0.08
CA ILE B 13 28.32 0.69 -0.15
C ILE B 13 28.58 1.86 -1.10
N LEU B 14 29.72 2.57 -0.91
CA LEU B 14 30.03 3.71 -1.78
C LEU B 14 30.19 3.27 -3.22
N LYS B 15 30.81 2.09 -3.45
CA LYS B 15 31.00 1.58 -4.81
C LYS B 15 29.64 1.34 -5.49
N GLU B 16 28.68 0.78 -4.75
CA GLU B 16 27.32 0.57 -5.24
C GLU B 16 26.65 1.90 -5.58
N MET B 17 26.80 2.92 -4.69
CA MET B 17 26.21 4.24 -4.94
C MET B 17 26.79 4.91 -6.20
N PHE B 18 28.06 4.63 -6.53
CA PHE B 18 28.74 5.14 -7.73
C PHE B 18 28.43 4.30 -8.99
N ALA B 19 27.79 3.12 -8.86
CA ALA B 19 27.54 2.23 -10.00
C ALA B 19 26.70 2.88 -11.11
N LYS B 20 27.01 2.53 -12.37
CA LYS B 20 26.32 3.07 -13.55
C LYS B 20 24.82 2.82 -13.56
N LYS B 21 24.35 1.74 -12.92
CA LYS B 21 22.90 1.47 -12.88
C LYS B 21 22.12 2.51 -12.07
N HIS B 22 22.80 3.28 -11.21
CA HIS B 22 22.15 4.34 -10.42
C HIS B 22 22.45 5.75 -10.94
N ALA B 23 23.29 5.88 -11.97
CA ALA B 23 23.78 7.14 -12.51
C ALA B 23 22.72 8.20 -12.86
N ALA B 24 21.55 7.82 -13.39
CA ALA B 24 20.49 8.77 -13.76
C ALA B 24 20.05 9.68 -12.62
N TYR B 25 20.08 9.17 -11.38
CA TYR B 25 19.71 9.94 -10.20
C TYR B 25 20.88 10.19 -9.24
N ALA B 26 21.97 9.41 -9.32
CA ALA B 26 23.11 9.62 -8.40
C ALA B 26 24.10 10.72 -8.81
N TRP B 27 24.23 11.03 -10.13
CA TRP B 27 25.24 11.97 -10.65
C TRP B 27 25.31 13.33 -9.88
N PRO B 28 24.20 13.98 -9.43
CA PRO B 28 24.35 15.29 -8.75
C PRO B 28 25.07 15.21 -7.41
N PHE B 29 25.33 13.99 -6.90
CA PHE B 29 25.97 13.78 -5.61
C PHE B 29 27.41 13.28 -5.74
N TYR B 30 27.88 13.01 -6.97
CA TYR B 30 29.24 12.49 -7.16
C TYR B 30 30.30 13.47 -6.70
N LYS B 31 30.10 14.77 -6.96
CA LYS B 31 31.10 15.80 -6.68
C LYS B 31 30.51 16.99 -5.94
N PRO B 32 31.33 17.89 -5.36
CA PRO B 32 30.77 19.05 -4.67
C PRO B 32 29.84 19.88 -5.56
N VAL B 33 28.83 20.52 -4.96
CA VAL B 33 27.96 21.43 -5.70
C VAL B 33 28.83 22.62 -6.15
N ASP B 34 28.94 22.86 -7.46
CA ASP B 34 29.76 23.96 -8.00
C ASP B 34 28.92 25.24 -7.89
N VAL B 35 28.92 25.84 -6.70
CA VAL B 35 28.11 27.01 -6.37
C VAL B 35 28.41 28.22 -7.25
N GLU B 36 29.68 28.40 -7.66
CA GLU B 36 30.12 29.50 -8.52
C GLU B 36 29.59 29.33 -9.95
N ALA B 37 29.75 28.15 -10.54
CA ALA B 37 29.29 27.92 -11.89
C ALA B 37 27.75 27.94 -11.99
N LEU B 38 27.04 27.47 -10.94
CA LEU B 38 25.58 27.49 -10.96
C LEU B 38 24.95 28.81 -10.48
N GLY B 39 25.75 29.72 -9.94
CA GLY B 39 25.24 30.98 -9.41
C GLY B 39 24.37 30.80 -8.18
N LEU B 40 24.70 29.80 -7.31
CA LEU B 40 23.91 29.59 -6.09
C LEU B 40 24.59 30.43 -5.00
N HIS B 41 24.34 31.77 -4.99
CA HIS B 41 25.02 32.72 -4.09
C HIS B 41 24.77 32.53 -2.60
N ASP B 42 23.63 31.94 -2.24
CA ASP B 42 23.28 31.71 -0.83
C ASP B 42 23.62 30.29 -0.30
N TYR B 43 24.08 29.37 -1.17
CA TYR B 43 24.38 28.00 -0.75
C TYR B 43 25.30 27.89 0.45
N CYS B 44 26.43 28.57 0.42
CA CYS B 44 27.40 28.46 1.50
C CYS B 44 26.93 29.09 2.82
N ASP B 45 25.92 29.98 2.77
CA ASP B 45 25.34 30.60 3.98
C ASP B 45 24.31 29.67 4.62
N ILE B 46 23.56 28.92 3.81
CA ILE B 46 22.53 27.99 4.31
C ILE B 46 23.15 26.64 4.68
N ILE B 47 24.11 26.16 3.86
CA ILE B 47 24.79 24.89 4.05
C ILE B 47 26.19 25.14 4.62
N LYS B 48 26.33 24.86 5.91
CA LYS B 48 27.57 25.07 6.65
C LYS B 48 28.57 23.95 6.42
N HIS B 49 28.10 22.72 6.16
CA HIS B 49 29.02 21.60 5.98
C HIS B 49 28.69 20.88 4.68
N PRO B 50 29.17 21.37 3.52
CA PRO B 50 28.87 20.69 2.25
C PRO B 50 29.43 19.28 2.24
N MET B 51 28.78 18.36 1.53
CA MET B 51 29.29 16.97 1.49
C MET B 51 28.88 16.33 0.22
N ASP B 52 29.75 15.47 -0.34
CA ASP B 52 29.45 14.80 -1.60
C ASP B 52 30.13 13.42 -1.59
N MET B 53 29.78 12.54 -2.52
CA MET B 53 30.36 11.20 -2.56
C MET B 53 31.85 11.14 -2.80
N SER B 54 32.44 12.05 -3.61
CA SER B 54 33.89 12.05 -3.80
C SER B 54 34.66 12.41 -2.54
N THR B 55 34.15 13.36 -1.75
CA THR B 55 34.76 13.77 -0.49
C THR B 55 34.64 12.61 0.52
N ILE B 56 33.48 11.94 0.57
CA ILE B 56 33.30 10.78 1.46
C ILE B 56 34.27 9.63 1.06
N LYS B 57 34.49 9.40 -0.26
CA LYS B 57 35.41 8.37 -0.71
C LYS B 57 36.84 8.70 -0.27
N SER B 58 37.23 9.99 -0.35
CA SER B 58 38.56 10.41 0.03
C SER B 58 38.74 10.22 1.50
N LYS B 59 37.74 10.62 2.32
CA LYS B 59 37.82 10.49 3.76
C LYS B 59 37.91 9.05 4.16
N LEU B 60 37.15 8.18 3.51
CA LEU B 60 37.15 6.76 3.81
C LEU B 60 38.51 6.14 3.49
N GLU B 61 39.07 6.42 2.30
CA GLU B 61 40.37 5.87 1.92
C GLU B 61 41.52 6.39 2.78
N ALA B 62 41.39 7.61 3.32
CA ALA B 62 42.38 8.21 4.20
C ALA B 62 42.14 7.83 5.68
N ARG B 63 41.25 6.86 5.96
CA ARG B 63 40.91 6.34 7.30
C ARG B 63 40.32 7.39 8.27
N GLU B 64 39.63 8.37 7.74
CA GLU B 64 39.06 9.44 8.54
C GLU B 64 37.79 9.10 9.32
N TYR B 65 37.13 7.96 9.01
CA TYR B 65 35.94 7.55 9.75
C TYR B 65 36.35 6.50 10.76
N ARG B 66 36.02 6.70 12.03
CA ARG B 66 36.35 5.72 13.08
C ARG B 66 35.59 4.42 12.89
N ASP B 67 34.33 4.50 12.43
CA ASP B 67 33.43 3.36 12.26
C ASP B 67 32.34 3.65 11.23
N ALA B 68 31.44 2.67 10.98
CA ALA B 68 30.35 2.79 10.03
C ALA B 68 29.41 3.96 10.34
N GLN B 69 29.18 4.26 11.62
CA GLN B 69 28.29 5.35 12.00
C GLN B 69 28.83 6.72 11.58
N GLU B 70 30.16 6.92 11.64
CA GLU B 70 30.77 8.18 11.21
C GLU B 70 30.67 8.31 9.69
N PHE B 71 30.82 7.19 8.95
CA PHE B 71 30.69 7.15 7.49
C PHE B 71 29.26 7.47 7.11
N GLY B 72 28.29 6.81 7.77
CA GLY B 72 26.88 7.00 7.51
C GLY B 72 26.42 8.40 7.86
N ALA B 73 27.04 9.05 8.87
CA ALA B 73 26.65 10.44 9.21
C ALA B 73 27.01 11.38 8.08
N ASP B 74 28.12 11.14 7.37
CA ASP B 74 28.51 11.98 6.25
C ASP B 74 27.63 11.75 5.05
N VAL B 75 27.20 10.50 4.80
CA VAL B 75 26.28 10.20 3.71
C VAL B 75 24.92 10.88 3.96
N ARG B 76 24.45 10.84 5.22
CA ARG B 76 23.19 11.47 5.57
C ARG B 76 23.25 12.97 5.59
N LEU B 77 24.41 13.53 5.94
CA LEU B 77 24.66 14.98 5.85
C LEU B 77 24.49 15.42 4.36
N MET B 78 25.06 14.65 3.42
CA MET B 78 24.95 14.94 1.99
C MET B 78 23.46 15.05 1.53
N PHE B 79 22.62 14.08 1.93
CA PHE B 79 21.19 14.14 1.60
C PHE B 79 20.45 15.26 2.33
N SER B 80 20.71 15.47 3.64
CA SER B 80 20.07 16.51 4.45
C SER B 80 20.35 17.90 3.88
N ASN B 81 21.57 18.14 3.41
CA ASN B 81 21.93 19.42 2.77
C ASN B 81 21.05 19.68 1.55
N CYS B 82 20.77 18.62 0.80
CA CYS B 82 19.93 18.66 -0.39
C CYS B 82 18.47 18.95 0.01
N TYR B 83 17.97 18.26 1.05
CA TYR B 83 16.59 18.47 1.51
C TYR B 83 16.40 19.87 2.13
N LYS B 84 17.45 20.39 2.77
CA LYS B 84 17.41 21.72 3.39
C LYS B 84 17.50 22.84 2.36
N TYR B 85 18.47 22.78 1.45
CA TYR B 85 18.69 23.87 0.50
C TYR B 85 17.61 24.05 -0.56
N ASN B 86 17.21 22.98 -1.21
CA ASN B 86 16.38 23.05 -2.38
C ASN B 86 14.91 23.20 -2.11
N PRO B 87 14.14 23.75 -3.08
CA PRO B 87 12.68 23.68 -2.97
C PRO B 87 12.26 22.18 -3.00
N PRO B 88 11.27 21.76 -2.22
CA PRO B 88 10.90 20.34 -2.17
C PRO B 88 10.47 19.69 -3.48
N ASP B 89 10.02 20.51 -4.44
CA ASP B 89 9.57 20.07 -5.76
C ASP B 89 10.73 19.93 -6.78
N HIS B 90 11.94 20.42 -6.44
CA HIS B 90 13.07 20.38 -7.37
C HIS B 90 13.46 18.94 -7.69
N GLU B 91 13.87 18.68 -8.93
CA GLU B 91 14.26 17.34 -9.39
C GLU B 91 15.40 16.73 -8.57
N VAL B 92 16.35 17.56 -8.08
CA VAL B 92 17.49 17.05 -7.31
C VAL B 92 17.04 16.40 -5.98
N VAL B 93 15.92 16.83 -5.40
CA VAL B 93 15.37 16.28 -4.18
C VAL B 93 14.82 14.85 -4.47
N ALA B 94 14.13 14.70 -5.61
CA ALA B 94 13.59 13.40 -6.00
C ALA B 94 14.75 12.44 -6.28
N MET B 95 15.83 12.94 -6.89
CA MET B 95 17.04 12.16 -7.16
C MET B 95 17.72 11.77 -5.87
N ALA B 96 17.84 12.68 -4.91
CA ALA B 96 18.43 12.38 -3.60
C ALA B 96 17.67 11.26 -2.91
N ARG B 97 16.32 11.28 -2.93
CA ARG B 97 15.53 10.25 -2.25
C ARG B 97 15.77 8.87 -2.82
N LYS B 98 15.96 8.79 -4.13
CA LYS B 98 16.23 7.53 -4.81
C LYS B 98 17.62 6.99 -4.44
N LEU B 99 18.64 7.85 -4.39
CA LEU B 99 20.00 7.40 -4.03
C LEU B 99 20.05 7.05 -2.53
N GLN B 100 19.29 7.78 -1.68
CA GLN B 100 19.19 7.45 -0.27
C GLN B 100 18.58 6.06 0.01
N ASP B 101 17.61 5.61 -0.84
CA ASP B 101 17.03 4.27 -0.73
C ASP B 101 18.11 3.20 -0.99
N VAL B 102 19.03 3.45 -1.95
CA VAL B 102 20.17 2.57 -2.27
C VAL B 102 21.09 2.49 -1.06
N PHE B 103 21.43 3.64 -0.46
CA PHE B 103 22.31 3.69 0.70
C PHE B 103 21.67 3.01 1.93
N GLU B 104 20.45 3.43 2.30
CA GLU B 104 19.76 2.91 3.48
C GLU B 104 19.60 1.38 3.42
N MET B 105 19.19 0.78 2.28
CA MET B 105 19.08 -0.69 2.18
C MET B 105 20.41 -1.39 2.44
N ARG B 106 21.52 -0.91 1.83
CA ARG B 106 22.85 -1.50 2.00
C ARG B 106 23.41 -1.27 3.39
N PHE B 107 23.34 -0.04 3.92
CA PHE B 107 23.84 0.32 5.24
C PHE B 107 23.11 -0.45 6.34
N ALA B 108 21.82 -0.75 6.17
CA ALA B 108 21.07 -1.53 7.18
C ALA B 108 21.53 -3.00 7.24
N LYS B 109 22.05 -3.54 6.13
CA LYS B 109 22.50 -4.93 6.05
C LYS B 109 23.95 -5.08 6.49
N MET B 110 24.27 -4.67 7.72
CA MET B 110 25.60 -4.79 8.31
C MET B 110 25.55 -4.52 9.83
N SER C 2 19.65 26.04 20.17
CA SER C 2 19.79 25.49 21.52
C SER C 2 19.20 24.07 21.59
N HIS C 3 19.69 23.27 22.55
CA HIS C 3 19.21 21.89 22.73
C HIS C 3 17.73 21.81 23.10
N MET C 4 17.20 22.82 23.84
CA MET C 4 15.78 22.83 24.20
C MET C 4 14.93 23.16 22.97
N GLU C 5 15.35 24.13 22.15
CA GLU C 5 14.63 24.46 20.92
C GLU C 5 14.76 23.37 19.84
N GLN C 6 15.88 22.61 19.83
CA GLN C 6 16.09 21.49 18.89
C GLN C 6 15.08 20.37 19.20
N LEU C 7 14.97 19.96 20.50
CA LEU C 7 14.06 18.90 20.94
C LEU C 7 12.58 19.27 20.83
N LYS C 8 12.27 20.57 20.84
CA LYS C 8 10.91 21.02 20.61
C LYS C 8 10.56 20.90 19.12
N CYS C 9 11.54 21.12 18.23
CA CYS C 9 11.38 20.86 16.81
C CYS C 9 11.22 19.32 16.61
N CYS C 10 11.91 18.49 17.42
CA CYS C 10 11.84 17.02 17.39
C CYS C 10 10.44 16.55 17.73
N SER C 11 9.80 17.16 18.76
CA SER C 11 8.41 16.83 19.12
C SER C 11 7.47 17.16 17.94
N GLY C 12 7.71 18.28 17.28
CA GLY C 12 6.93 18.69 16.11
C GLY C 12 7.11 17.74 14.94
N ILE C 13 8.31 17.18 14.77
CA ILE C 13 8.59 16.20 13.71
C ILE C 13 7.81 14.91 14.00
N LEU C 14 7.87 14.41 15.25
CA LEU C 14 7.14 13.20 15.66
C LEU C 14 5.63 13.37 15.50
N LYS C 15 5.11 14.54 15.87
CA LYS C 15 3.70 14.87 15.76
C LYS C 15 3.28 14.85 14.27
N GLU C 16 4.13 15.37 13.38
CA GLU C 16 3.88 15.32 11.94
C GLU C 16 3.88 13.86 11.45
N MET C 17 4.79 13.01 11.94
CA MET C 17 4.83 11.60 11.52
C MET C 17 3.61 10.80 11.96
N PHE C 18 2.98 11.20 13.08
CA PHE C 18 1.74 10.59 13.58
C PHE C 18 0.46 11.20 12.93
N ALA C 19 0.61 12.21 12.06
CA ALA C 19 -0.54 12.87 11.45
C ALA C 19 -1.27 12.00 10.45
N LYS C 20 -2.60 12.20 10.37
CA LYS C 20 -3.50 11.46 9.49
C LYS C 20 -3.08 11.48 8.01
N LYS C 21 -2.51 12.59 7.52
CA LYS C 21 -2.10 12.64 6.11
C LYS C 21 -0.94 11.67 5.78
N HIS C 22 -0.28 11.07 6.80
CA HIS C 22 0.76 10.05 6.55
C HIS C 22 0.30 8.62 6.90
N ALA C 23 -0.97 8.46 7.38
CA ALA C 23 -1.53 7.19 7.85
C ALA C 23 -1.41 6.01 6.89
N ALA C 24 -1.32 6.26 5.57
CA ALA C 24 -1.19 5.18 4.58
C ALA C 24 0.09 4.35 4.76
N TYR C 25 1.17 4.97 5.23
CA TYR C 25 2.49 4.33 5.34
C TYR C 25 3.16 4.43 6.69
N ALA C 26 2.67 5.31 7.58
CA ALA C 26 3.25 5.47 8.91
C ALA C 26 2.72 4.48 9.92
N TRP C 27 1.50 3.93 9.67
CA TRP C 27 0.84 3.03 10.62
C TRP C 27 1.68 1.81 11.09
N PRO C 28 2.52 1.13 10.26
CA PRO C 28 3.29 -0.02 10.80
C PRO C 28 4.39 0.37 11.79
N PHE C 29 4.65 1.69 11.96
CA PHE C 29 5.71 2.24 12.81
C PHE C 29 5.17 2.90 14.11
N TYR C 30 3.83 3.04 14.25
CA TYR C 30 3.22 3.69 15.42
C TYR C 30 3.57 3.01 16.73
N LYS C 31 3.63 1.68 16.73
CA LYS C 31 3.85 0.89 17.92
C LYS C 31 4.89 -0.21 17.68
N PRO C 32 5.43 -0.85 18.75
CA PRO C 32 6.44 -1.90 18.53
C PRO C 32 5.91 -3.01 17.63
N VAL C 33 6.81 -3.66 16.87
CA VAL C 33 6.43 -4.79 16.04
C VAL C 33 5.86 -5.92 16.92
N ASP C 34 4.60 -6.30 16.69
CA ASP C 34 3.96 -7.38 17.46
C ASP C 34 4.41 -8.71 16.82
N VAL C 35 5.55 -9.25 17.29
CA VAL C 35 6.19 -10.44 16.73
C VAL C 35 5.33 -11.71 16.87
N GLU C 36 4.56 -11.83 17.95
CA GLU C 36 3.72 -13.00 18.16
C GLU C 36 2.53 -12.96 17.20
N ALA C 37 1.85 -11.82 17.10
CA ALA C 37 0.72 -11.65 16.20
C ALA C 37 1.08 -11.76 14.71
N LEU C 38 2.31 -11.38 14.32
CA LEU C 38 2.72 -11.50 12.91
C LEU C 38 3.47 -12.81 12.60
N GLY C 39 3.77 -13.62 13.62
CA GLY C 39 4.48 -14.87 13.45
C GLY C 39 5.92 -14.68 13.02
N LEU C 40 6.57 -13.60 13.49
CA LEU C 40 7.97 -13.31 13.15
C LEU C 40 8.87 -13.93 14.22
N HIS C 41 9.03 -15.28 14.15
CA HIS C 41 9.79 -16.11 15.10
C HIS C 41 11.27 -15.76 15.20
N ASP C 42 11.81 -15.09 14.17
CA ASP C 42 13.23 -14.72 14.11
C ASP C 42 13.54 -13.24 14.39
N TYR C 43 12.51 -12.40 14.50
CA TYR C 43 12.66 -10.96 14.71
C TYR C 43 13.63 -10.59 15.84
N CYS C 44 13.41 -11.07 17.07
CA CYS C 44 14.25 -10.77 18.23
C CYS C 44 15.69 -11.29 18.11
N ASP C 45 15.93 -12.28 17.24
CA ASP C 45 17.27 -12.81 17.00
C ASP C 45 18.07 -11.89 16.05
N ILE C 46 17.38 -11.28 15.06
CA ILE C 46 18.01 -10.41 14.08
C ILE C 46 18.07 -8.94 14.54
N ILE C 47 16.97 -8.47 15.17
CA ILE C 47 16.79 -7.10 15.65
C ILE C 47 17.06 -7.02 17.14
N LYS C 48 18.29 -6.62 17.50
CA LYS C 48 18.73 -6.48 18.88
C LYS C 48 18.17 -5.23 19.58
N HIS C 49 17.90 -4.16 18.81
CA HIS C 49 17.40 -2.93 19.39
C HIS C 49 16.12 -2.48 18.67
N PRO C 50 14.94 -3.04 19.01
CA PRO C 50 13.70 -2.60 18.36
C PRO C 50 13.44 -1.13 18.67
N MET C 51 12.78 -0.43 17.71
CA MET C 51 12.43 0.95 17.89
C MET C 51 11.16 1.24 17.09
N ASP C 52 10.30 2.11 17.64
CA ASP C 52 9.06 2.52 17.00
C ASP C 52 8.74 3.93 17.48
N MET C 53 7.80 4.59 16.82
CA MET C 53 7.43 5.96 17.15
C MET C 53 6.92 6.18 18.59
N SER C 54 6.20 5.20 19.18
CA SER C 54 5.69 5.38 20.54
C SER C 54 6.81 5.35 21.57
N THR C 55 7.79 4.48 21.35
CA THR C 55 8.96 4.37 22.22
C THR C 55 9.78 5.66 22.14
N ILE C 56 9.96 6.23 20.91
CA ILE C 56 10.72 7.46 20.70
C ILE C 56 10.04 8.63 21.40
N LYS C 57 8.71 8.69 21.34
CA LYS C 57 7.93 9.72 22.02
C LYS C 57 8.13 9.63 23.53
N SER C 58 8.17 8.41 24.08
CA SER C 58 8.39 8.21 25.52
C SER C 58 9.80 8.62 25.94
N LYS C 59 10.80 8.31 25.12
CA LYS C 59 12.18 8.67 25.43
C LYS C 59 12.36 10.20 25.34
N LEU C 60 11.73 10.82 24.35
CA LEU C 60 11.81 12.26 24.13
C LEU C 60 11.14 12.99 25.30
N GLU C 61 9.98 12.50 25.78
CA GLU C 61 9.31 13.10 26.92
C GLU C 61 10.09 12.91 28.23
N ALA C 62 10.80 11.79 28.37
CA ALA C 62 11.63 11.56 29.56
C ALA C 62 13.01 12.25 29.47
N ARG C 63 13.24 13.06 28.40
CA ARG C 63 14.48 13.81 28.20
C ARG C 63 15.68 12.91 28.02
N GLU C 64 15.48 11.77 27.36
CA GLU C 64 16.56 10.83 27.11
C GLU C 64 17.44 11.21 25.92
N TYR C 65 17.01 12.14 25.06
CA TYR C 65 17.83 12.60 23.94
C TYR C 65 18.43 13.96 24.34
N ARG C 66 19.75 14.05 24.30
CA ARG C 66 20.49 15.28 24.61
C ARG C 66 20.22 16.37 23.59
N ASP C 67 20.05 15.97 22.32
CA ASP C 67 19.88 16.89 21.21
C ASP C 67 19.16 16.20 20.03
N ALA C 68 18.98 16.92 18.90
CA ALA C 68 18.32 16.42 17.69
C ALA C 68 19.07 15.22 17.06
N GLN C 69 20.42 15.17 17.15
CA GLN C 69 21.16 14.05 16.61
C GLN C 69 20.84 12.71 17.32
N GLU C 70 20.67 12.75 18.65
CA GLU C 70 20.33 11.53 19.41
C GLU C 70 18.92 11.08 19.04
N PHE C 71 17.98 12.04 18.91
CA PHE C 71 16.60 11.76 18.49
C PHE C 71 16.59 11.17 17.08
N GLY C 72 17.32 11.81 16.16
CA GLY C 72 17.43 11.38 14.78
C GLY C 72 17.99 9.97 14.66
N ALA C 73 18.96 9.61 15.52
CA ALA C 73 19.56 8.28 15.50
C ALA C 73 18.55 7.19 15.82
N ASP C 74 17.59 7.45 16.75
CA ASP C 74 16.55 6.46 17.07
C ASP C 74 15.51 6.36 15.95
N VAL C 75 15.20 7.49 15.30
CA VAL C 75 14.30 7.47 14.15
C VAL C 75 14.90 6.63 13.02
N ARG C 76 16.21 6.79 12.78
CA ARG C 76 16.91 6.04 11.75
C ARG C 76 17.11 4.58 12.13
N LEU C 77 17.27 4.26 13.41
CA LEU C 77 17.34 2.89 13.91
C LEU C 77 16.03 2.15 13.56
N MET C 78 14.89 2.81 13.77
CA MET C 78 13.56 2.28 13.45
C MET C 78 13.47 1.94 11.94
N PHE C 79 13.86 2.86 11.04
CA PHE C 79 13.85 2.55 9.60
C PHE C 79 14.89 1.46 9.24
N SER C 80 16.11 1.50 9.82
CA SER C 80 17.15 0.50 9.53
C SER C 80 16.75 -0.91 9.95
N ASN C 81 16.10 -1.06 11.14
CA ASN C 81 15.60 -2.37 11.59
C ASN C 81 14.67 -2.94 10.54
N CYS C 82 13.80 -2.10 9.97
CA CYS C 82 12.86 -2.47 8.91
C CYS C 82 13.61 -2.86 7.62
N TYR C 83 14.61 -2.08 7.23
CA TYR C 83 15.40 -2.43 6.03
C TYR C 83 16.23 -3.69 6.22
N LYS C 84 16.66 -3.98 7.45
CA LYS C 84 17.50 -5.14 7.74
C LYS C 84 16.70 -6.45 7.78
N TYR C 85 15.58 -6.46 8.50
CA TYR C 85 14.82 -7.67 8.71
C TYR C 85 14.01 -8.14 7.49
N ASN C 86 13.31 -7.23 6.82
CA ASN C 86 12.40 -7.58 5.74
C ASN C 86 13.03 -7.75 4.35
N PRO C 87 12.40 -8.56 3.45
CA PRO C 87 12.88 -8.63 2.06
C PRO C 87 12.77 -7.25 1.40
N PRO C 88 13.72 -6.85 0.55
CA PRO C 88 13.69 -5.50 -0.03
C PRO C 88 12.44 -5.13 -0.82
N ASP C 89 11.71 -6.13 -1.31
CA ASP C 89 10.49 -5.93 -2.09
C ASP C 89 9.20 -5.89 -1.24
N HIS C 90 9.29 -6.19 0.07
CA HIS C 90 8.11 -6.23 0.94
C HIS C 90 7.42 -4.85 1.02
N GLU C 91 6.09 -4.84 1.16
CA GLU C 91 5.32 -3.60 1.28
C GLU C 91 5.76 -2.71 2.45
N VAL C 92 6.11 -3.27 3.62
CA VAL C 92 6.51 -2.48 4.79
C VAL C 92 7.80 -1.65 4.51
N VAL C 93 8.71 -2.17 3.68
CA VAL C 93 9.92 -1.45 3.25
C VAL C 93 9.54 -0.24 2.43
N ALA C 94 8.58 -0.39 1.50
CA ALA C 94 8.12 0.75 0.69
C ALA C 94 7.47 1.81 1.59
N MET C 95 6.71 1.37 2.61
CA MET C 95 6.08 2.28 3.57
C MET C 95 7.14 2.99 4.43
N ALA C 96 8.17 2.28 4.88
CA ALA C 96 9.28 2.86 5.65
C ALA C 96 9.96 3.96 4.84
N ARG C 97 10.21 3.73 3.53
CA ARG C 97 10.84 4.75 2.67
C ARG C 97 9.99 6.01 2.57
N LYS C 98 8.66 5.87 2.47
CA LYS C 98 7.79 7.04 2.40
C LYS C 98 7.76 7.84 3.70
N LEU C 99 7.71 7.15 4.86
CA LEU C 99 7.74 7.83 6.15
C LEU C 99 9.13 8.43 6.39
N GLN C 100 10.23 7.72 5.96
CA GLN C 100 11.58 8.24 6.09
C GLN C 100 11.74 9.49 5.30
N ASP C 101 11.14 9.56 4.07
CA ASP C 101 11.16 10.78 3.24
C ASP C 101 10.54 11.94 4.02
N VAL C 102 9.39 11.73 4.67
CA VAL C 102 8.73 12.75 5.50
C VAL C 102 9.68 13.22 6.63
N PHE C 103 10.26 12.27 7.35
CA PHE C 103 11.17 12.56 8.44
C PHE C 103 12.40 13.36 7.97
N GLU C 104 13.11 12.86 6.94
CA GLU C 104 14.34 13.52 6.48
C GLU C 104 14.10 14.96 6.04
N MET C 105 12.99 15.26 5.35
CA MET C 105 12.65 16.60 4.90
C MET C 105 12.48 17.61 6.05
N ARG C 106 11.78 17.22 7.12
CA ARG C 106 11.60 18.12 8.27
C ARG C 106 12.83 18.18 9.15
N PHE C 107 13.53 17.04 9.32
CA PHE C 107 14.77 16.97 10.10
C PHE C 107 15.88 17.83 9.49
N ALA C 108 15.89 18.00 8.15
CA ALA C 108 16.87 18.83 7.43
C ALA C 108 16.67 20.33 7.71
N LYS C 109 15.45 20.75 8.08
CA LYS C 109 15.11 22.15 8.40
C LYS C 109 15.49 22.46 9.85
N HIS D 3 -38.26 -5.64 2.23
CA HIS D 3 -38.02 -6.25 0.93
C HIS D 3 -38.61 -5.45 -0.22
N MET D 4 -39.71 -4.73 0.03
CA MET D 4 -40.38 -3.88 -0.96
C MET D 4 -39.47 -2.67 -1.29
N GLU D 5 -38.93 -2.03 -0.25
CA GLU D 5 -38.03 -0.89 -0.37
C GLU D 5 -36.70 -1.33 -1.00
N GLN D 6 -36.17 -2.51 -0.61
CA GLN D 6 -34.93 -3.07 -1.16
C GLN D 6 -35.00 -3.21 -2.70
N LEU D 7 -36.10 -3.80 -3.21
CA LEU D 7 -36.28 -3.99 -4.65
C LEU D 7 -36.56 -2.68 -5.41
N LYS D 8 -37.06 -1.65 -4.71
CA LYS D 8 -37.24 -0.30 -5.31
C LYS D 8 -35.85 0.31 -5.53
N CYS D 9 -34.92 0.10 -4.56
CA CYS D 9 -33.51 0.51 -4.64
C CYS D 9 -32.86 -0.26 -5.81
N CYS D 10 -33.14 -1.57 -5.91
CA CYS D 10 -32.67 -2.48 -6.96
C CYS D 10 -33.05 -2.00 -8.36
N SER D 11 -34.27 -1.45 -8.57
CA SER D 11 -34.66 -0.90 -9.87
C SER D 11 -33.84 0.35 -10.19
N GLY D 12 -33.58 1.17 -9.17
CA GLY D 12 -32.75 2.36 -9.34
C GLY D 12 -31.31 2.02 -9.70
N ILE D 13 -30.78 0.93 -9.12
CA ILE D 13 -29.42 0.48 -9.45
C ILE D 13 -29.39 0.02 -10.91
N LEU D 14 -30.36 -0.82 -11.32
CA LEU D 14 -30.43 -1.29 -12.69
C LEU D 14 -30.61 -0.15 -13.68
N LYS D 15 -31.45 0.85 -13.35
CA LYS D 15 -31.68 2.04 -14.16
C LYS D 15 -30.37 2.82 -14.32
N GLU D 16 -29.57 2.93 -13.24
CA GLU D 16 -28.27 3.58 -13.29
C GLU D 16 -27.29 2.79 -14.21
N MET D 17 -27.27 1.45 -14.10
CA MET D 17 -26.41 0.62 -14.96
C MET D 17 -26.78 0.73 -16.46
N PHE D 18 -28.08 0.99 -16.78
CA PHE D 18 -28.58 1.22 -18.14
C PHE D 18 -28.38 2.69 -18.60
N ALA D 19 -27.96 3.60 -17.71
CA ALA D 19 -27.82 5.02 -18.05
C ALA D 19 -26.81 5.25 -19.14
N LYS D 20 -27.11 6.21 -20.02
CA LYS D 20 -26.29 6.56 -21.19
C LYS D 20 -24.87 6.96 -20.83
N LYS D 21 -24.65 7.52 -19.63
CA LYS D 21 -23.29 7.90 -19.24
C LYS D 21 -22.35 6.69 -19.05
N HIS D 22 -22.92 5.49 -18.90
CA HIS D 22 -22.14 4.27 -18.75
C HIS D 22 -22.14 3.39 -20.04
N ALA D 23 -22.90 3.78 -21.07
CA ALA D 23 -23.13 3.03 -22.29
C ALA D 23 -21.88 2.55 -23.06
N ALA D 24 -20.76 3.28 -22.99
CA ALA D 24 -19.54 2.85 -23.70
C ALA D 24 -18.98 1.54 -23.18
N TYR D 25 -19.20 1.21 -21.90
CA TYR D 25 -18.72 -0.04 -21.34
C TYR D 25 -19.85 -0.97 -20.90
N ALA D 26 -21.08 -0.44 -20.72
CA ALA D 26 -22.19 -1.28 -20.30
C ALA D 26 -22.93 -2.04 -21.39
N TRP D 27 -22.86 -1.56 -22.67
CA TRP D 27 -23.63 -2.12 -23.78
C TRP D 27 -23.44 -3.64 -23.97
N PRO D 28 -22.24 -4.28 -23.81
CA PRO D 28 -22.18 -5.75 -24.00
C PRO D 28 -23.01 -6.56 -22.99
N PHE D 29 -23.54 -5.90 -21.94
CA PHE D 29 -24.33 -6.55 -20.89
C PHE D 29 -25.81 -6.26 -20.97
N TYR D 30 -26.24 -5.37 -21.89
CA TYR D 30 -27.67 -5.01 -21.98
C TYR D 30 -28.54 -6.17 -22.35
N LYS D 31 -28.04 -7.06 -23.20
CA LYS D 31 -28.83 -8.14 -23.76
C LYS D 31 -28.09 -9.46 -23.68
N PRO D 32 -28.78 -10.60 -23.81
CA PRO D 32 -28.05 -11.89 -23.78
C PRO D 32 -26.91 -11.98 -24.78
N VAL D 33 -25.88 -12.78 -24.46
CA VAL D 33 -24.77 -12.97 -25.43
C VAL D 33 -25.35 -13.75 -26.63
N ASP D 34 -25.22 -13.18 -27.86
CA ASP D 34 -25.79 -13.82 -29.05
C ASP D 34 -24.71 -14.81 -29.56
N VAL D 35 -24.65 -16.00 -28.93
CA VAL D 35 -23.64 -17.01 -29.21
C VAL D 35 -23.62 -17.48 -30.68
N GLU D 36 -24.78 -17.53 -31.34
CA GLU D 36 -24.85 -17.98 -32.73
C GLU D 36 -24.30 -16.94 -33.68
N ALA D 37 -24.72 -15.68 -33.53
CA ALA D 37 -24.26 -14.58 -34.38
C ALA D 37 -22.76 -14.32 -34.20
N LEU D 38 -22.24 -14.51 -32.98
CA LEU D 38 -20.82 -14.28 -32.72
C LEU D 38 -19.93 -15.47 -33.02
N GLY D 39 -20.49 -16.63 -33.28
CA GLY D 39 -19.72 -17.83 -33.53
C GLY D 39 -19.02 -18.37 -32.30
N LEU D 40 -19.60 -18.17 -31.09
CA LEU D 40 -19.01 -18.66 -29.83
C LEU D 40 -19.57 -20.08 -29.55
N HIS D 41 -19.02 -21.08 -30.24
CA HIS D 41 -19.50 -22.49 -30.17
C HIS D 41 -19.46 -23.16 -28.79
N ASP D 42 -18.49 -22.80 -27.96
CA ASP D 42 -18.28 -23.37 -26.63
C ASP D 42 -18.96 -22.63 -25.47
N TYR D 43 -19.52 -21.41 -25.70
CA TYR D 43 -20.10 -20.59 -24.63
C TYR D 43 -21.08 -21.35 -23.72
N CYS D 44 -22.09 -21.99 -24.31
CA CYS D 44 -23.11 -22.74 -23.58
C CYS D 44 -22.57 -23.93 -22.80
N ASP D 45 -21.39 -24.45 -23.17
CA ASP D 45 -20.74 -25.57 -22.47
C ASP D 45 -19.99 -25.09 -21.22
N ILE D 46 -19.42 -23.88 -21.28
CA ILE D 46 -18.67 -23.27 -20.20
C ILE D 46 -19.62 -22.50 -19.23
N ILE D 47 -20.60 -21.80 -19.78
CA ILE D 47 -21.56 -21.00 -19.01
C ILE D 47 -22.90 -21.71 -18.88
N LYS D 48 -23.18 -22.30 -17.73
CA LYS D 48 -24.43 -23.04 -17.51
C LYS D 48 -25.63 -22.13 -17.27
N HIS D 49 -25.40 -20.93 -16.72
CA HIS D 49 -26.49 -20.01 -16.43
C HIS D 49 -26.19 -18.63 -17.01
N PRO D 50 -26.50 -18.41 -18.31
CA PRO D 50 -26.28 -17.08 -18.90
C PRO D 50 -27.11 -16.03 -18.18
N MET D 51 -26.63 -14.77 -18.15
CA MET D 51 -27.36 -13.71 -17.46
C MET D 51 -26.95 -12.37 -18.06
N ASP D 52 -27.90 -11.44 -18.15
CA ASP D 52 -27.68 -10.13 -18.73
C ASP D 52 -28.66 -9.15 -18.06
N MET D 53 -28.49 -7.86 -18.30
CA MET D 53 -29.31 -6.82 -17.70
C MET D 53 -30.80 -6.86 -18.10
N SER D 54 -31.12 -7.23 -19.36
CA SER D 54 -32.52 -7.33 -19.78
C SER D 54 -33.25 -8.45 -19.05
N THR D 55 -32.55 -9.56 -18.78
CA THR D 55 -33.13 -10.67 -18.05
C THR D 55 -33.35 -10.29 -16.60
N ILE D 56 -32.42 -9.53 -16.01
CA ILE D 56 -32.56 -9.07 -14.63
C ILE D 56 -33.73 -8.06 -14.49
N LYS D 57 -33.91 -7.20 -15.49
CA LYS D 57 -35.00 -6.25 -15.52
C LYS D 57 -36.33 -7.00 -15.61
N SER D 58 -36.40 -8.06 -16.45
CA SER D 58 -37.61 -8.86 -16.61
C SER D 58 -37.95 -9.58 -15.33
N LYS D 59 -36.94 -10.14 -14.64
CA LYS D 59 -37.15 -10.84 -13.39
C LYS D 59 -37.62 -9.89 -12.31
N LEU D 60 -37.08 -8.67 -12.27
CA LEU D 60 -37.45 -7.67 -11.28
C LEU D 60 -38.89 -7.19 -11.52
N GLU D 61 -39.27 -6.93 -12.78
CA GLU D 61 -40.64 -6.52 -13.11
C GLU D 61 -41.66 -7.63 -12.84
N ALA D 62 -41.26 -8.91 -12.99
CA ALA D 62 -42.12 -10.05 -12.71
C ALA D 62 -42.10 -10.48 -11.22
N ARG D 63 -41.46 -9.68 -10.35
CA ARG D 63 -41.34 -9.90 -8.91
C ARG D 63 -40.73 -11.27 -8.58
N GLU D 64 -39.69 -11.65 -9.35
CA GLU D 64 -38.98 -12.90 -9.15
C GLU D 64 -37.90 -12.85 -8.08
N TYR D 65 -37.51 -11.65 -7.62
CA TYR D 65 -36.47 -11.56 -6.57
C TYR D 65 -37.17 -11.33 -5.24
N ARG D 66 -36.87 -12.17 -4.25
CA ARG D 66 -37.45 -12.02 -2.91
C ARG D 66 -36.86 -10.79 -2.19
N ASP D 67 -35.56 -10.54 -2.41
CA ASP D 67 -34.85 -9.46 -1.77
C ASP D 67 -33.66 -8.98 -2.61
N ALA D 68 -32.95 -7.94 -2.13
CA ALA D 68 -31.76 -7.37 -2.74
C ALA D 68 -30.66 -8.42 -2.97
N GLN D 69 -30.47 -9.36 -2.04
CA GLN D 69 -29.43 -10.39 -2.19
C GLN D 69 -29.66 -11.31 -3.39
N GLU D 70 -30.92 -11.67 -3.71
CA GLU D 70 -31.27 -12.49 -4.88
C GLU D 70 -31.00 -11.69 -6.17
N PHE D 71 -31.35 -10.39 -6.17
CA PHE D 71 -31.09 -9.46 -7.27
C PHE D 71 -29.55 -9.34 -7.49
N GLY D 72 -28.80 -9.10 -6.41
CA GLY D 72 -27.35 -8.95 -6.45
C GLY D 72 -26.62 -10.20 -6.92
N ALA D 73 -27.15 -11.38 -6.60
CA ALA D 73 -26.59 -12.63 -7.06
C ALA D 73 -26.69 -12.73 -8.58
N ASP D 74 -27.76 -12.23 -9.20
CA ASP D 74 -27.89 -12.29 -10.67
C ASP D 74 -26.97 -11.33 -11.34
N VAL D 75 -26.80 -10.11 -10.78
CA VAL D 75 -25.86 -9.14 -11.34
C VAL D 75 -24.43 -9.69 -11.28
N ARG D 76 -24.06 -10.31 -10.15
CA ARG D 76 -22.73 -10.89 -9.99
C ARG D 76 -22.53 -12.15 -10.85
N LEU D 77 -23.60 -12.92 -11.08
CA LEU D 77 -23.55 -14.07 -11.99
C LEU D 77 -23.21 -13.56 -13.43
N MET D 78 -23.80 -12.45 -13.86
CA MET D 78 -23.54 -11.84 -15.16
C MET D 78 -22.04 -11.49 -15.31
N PHE D 79 -21.48 -10.81 -14.32
CA PHE D 79 -20.04 -10.47 -14.35
C PHE D 79 -19.15 -11.72 -14.24
N SER D 80 -19.47 -12.68 -13.38
CA SER D 80 -18.70 -13.93 -13.24
C SER D 80 -18.70 -14.71 -14.53
N ASN D 81 -19.83 -14.77 -15.25
CA ASN D 81 -19.86 -15.43 -16.60
C ASN D 81 -18.87 -14.80 -17.54
N CYS D 82 -18.75 -13.47 -17.47
CA CYS D 82 -17.83 -12.73 -18.29
C CYS D 82 -16.38 -13.03 -17.92
N TYR D 83 -16.07 -13.04 -16.62
CA TYR D 83 -14.71 -13.33 -16.15
C TYR D 83 -14.36 -14.80 -16.43
N LYS D 84 -15.33 -15.72 -16.30
CA LYS D 84 -15.09 -17.14 -16.54
C LYS D 84 -14.80 -17.46 -18.00
N TYR D 85 -15.70 -17.08 -18.91
CA TYR D 85 -15.60 -17.39 -20.33
C TYR D 85 -14.43 -16.76 -21.10
N ASN D 86 -14.27 -15.45 -20.97
CA ASN D 86 -13.34 -14.69 -21.79
C ASN D 86 -11.86 -14.77 -21.44
N PRO D 87 -10.95 -14.58 -22.43
CA PRO D 87 -9.53 -14.42 -22.06
C PRO D 87 -9.40 -13.15 -21.20
N PRO D 88 -8.53 -13.17 -20.16
CA PRO D 88 -8.46 -11.99 -19.26
C PRO D 88 -8.08 -10.67 -19.92
N ASP D 89 -7.48 -10.73 -21.11
CA ASP D 89 -7.03 -9.58 -21.90
C ASP D 89 -8.10 -9.05 -22.88
N HIS D 90 -9.27 -9.71 -22.96
CA HIS D 90 -10.32 -9.28 -23.87
C HIS D 90 -10.95 -7.99 -23.35
N GLU D 91 -11.33 -7.09 -24.27
CA GLU D 91 -11.90 -5.80 -23.94
C GLU D 91 -13.20 -5.89 -23.14
N VAL D 92 -14.03 -6.93 -23.37
CA VAL D 92 -15.29 -7.12 -22.66
C VAL D 92 -15.06 -7.32 -21.13
N VAL D 93 -13.90 -7.88 -20.73
CA VAL D 93 -13.54 -8.11 -19.32
C VAL D 93 -13.25 -6.75 -18.67
N ALA D 94 -12.55 -5.84 -19.38
CA ALA D 94 -12.27 -4.49 -18.88
C ALA D 94 -13.56 -3.69 -18.78
N MET D 95 -14.50 -3.88 -19.75
CA MET D 95 -15.81 -3.22 -19.72
C MET D 95 -16.62 -3.73 -18.53
N ALA D 96 -16.57 -5.03 -18.28
CA ALA D 96 -17.27 -5.69 -17.16
C ALA D 96 -16.82 -5.12 -15.81
N ARG D 97 -15.50 -4.94 -15.62
CA ARG D 97 -14.94 -4.37 -14.39
C ARG D 97 -15.40 -2.93 -14.15
N LYS D 98 -15.53 -2.13 -15.21
CA LYS D 98 -15.99 -0.75 -15.10
C LYS D 98 -17.47 -0.69 -14.74
N LEU D 99 -18.31 -1.58 -15.33
CA LEU D 99 -19.74 -1.60 -14.99
C LEU D 99 -19.94 -2.19 -13.56
N GLN D 100 -19.09 -3.13 -13.14
CA GLN D 100 -19.19 -3.70 -11.79
C GLN D 100 -18.88 -2.66 -10.73
N ASP D 101 -17.98 -1.71 -11.00
CA ASP D 101 -17.64 -0.64 -10.06
C ASP D 101 -18.87 0.22 -9.82
N VAL D 102 -19.59 0.57 -10.90
CA VAL D 102 -20.85 1.31 -10.81
C VAL D 102 -21.87 0.57 -9.93
N PHE D 103 -22.06 -0.75 -10.18
CA PHE D 103 -22.97 -1.59 -9.43
C PHE D 103 -22.54 -1.72 -7.95
N GLU D 104 -21.26 -2.08 -7.69
CA GLU D 104 -20.79 -2.34 -6.32
C GLU D 104 -20.89 -1.11 -5.43
N MET D 105 -20.60 0.09 -5.96
CA MET D 105 -20.71 1.33 -5.18
C MET D 105 -22.16 1.61 -4.74
N ARG D 106 -23.14 1.43 -5.64
CA ARG D 106 -24.56 1.63 -5.37
C ARG D 106 -25.13 0.55 -4.48
N PHE D 107 -24.76 -0.73 -4.72
CA PHE D 107 -25.25 -1.87 -3.96
C PHE D 107 -24.77 -1.84 -2.50
N ALA D 108 -23.53 -1.34 -2.27
CA ALA D 108 -22.99 -1.14 -0.92
C ALA D 108 -23.82 -0.02 -0.16
N LYS D 109 -24.49 0.87 -0.94
CA LYS D 109 -25.32 2.04 -0.61
C LYS D 109 -24.47 3.23 -0.21
C4 QYV E . -4.07 1.49 7.65
C5 QYV E . -6.23 0.42 7.66
C6 QYV E . -8.62 3.53 6.41
C7 QYV E . -4.62 4.76 2.30
C8 QYV E . -6.60 1.18 6.57
C10 QYV E . -5.69 2.06 6.02
C13 QYV E . -5.14 3.70 2.97
C15 QYV E . -10.10 2.10 5.52
C17 QYV E . -8.46 -0.09 5.60
C20 QYV E . -10.03 5.60 6.46
C21 QYV E . -11.72 8.29 5.25
C22 QYV E . -10.22 -1.44 4.61
C24 QYV E . -11.67 7.40 6.47
C1 QYV E . -5.48 5.01 4.94
C2 QYV E . -4.43 2.23 6.55
C3 QYV E . -4.99 6.10 4.25
C9 QYV E . -8.83 2.20 5.99
C11 QYV E . -5.55 3.81 4.29
C12 QYV E . -4.57 5.96 2.96
C14 QYV E . -4.97 0.58 8.17
C16 QYV E . -9.79 4.22 6.15
C18 QYV E . -7.97 1.09 6.03
C19 QYV E . -10.67 0.88 5.04
C23 QYV E . -3.59 -1.75 8.81
N25 QYV E . -10.68 3.34 5.61
N26 QYV E . -9.77 -0.17 5.10
N27 QYV E . -11.27 6.05 6.12
O28 QYV E . -11.81 0.81 4.63
O29 QYV E . -9.20 6.28 7.01
O30 QYV E . -3.55 0.43 10.30
O31 QYV E . -5.66 -0.98 10.17
O32 QYV E . -6.16 2.73 4.91
F33 QYV E . -4.08 7.04 2.33
F34 QYV E . -5.25 2.54 2.29
S35 QYV E . -4.47 -0.40 9.57
C4 QYV F . 24.77 20.37 -11.66
C5 QYV F . 25.07 20.30 -9.27
C6 QYV F . 21.64 22.16 -8.09
C7 QYV F . 19.01 18.39 -12.14
C8 QYV F . 23.72 20.10 -9.10
C10 QYV F . 22.91 20.03 -10.21
C13 QYV F . 20.01 18.51 -11.20
C15 QYV F . 21.67 21.09 -6.10
C17 QYV F . 23.46 19.18 -6.82
C20 QYV F . 20.02 23.97 -7.57
C21 QYV F . 18.20 26.48 -6.30
C22 QYV F . 23.33 18.15 -4.62
C24 QYV F . 17.93 25.18 -6.97
C1 QYV F . 20.14 20.88 -11.53
C2 QYV F . 23.41 20.15 -11.49
C3 QYV F . 19.13 20.76 -12.45
C9 QYV F . 22.19 21.08 -7.37
C11 QYV F . 20.58 19.73 -10.91
C12 QYV F . 18.58 19.54 -12.76
C14 QYV F . 25.58 20.44 -10.54
C16 QYV F . 20.80 22.83 -7.23
C18 QYV F . 23.12 20.09 -7.76
C19 QYV F . 22.00 20.15 -5.08
C23 QYV F . 27.95 19.09 -11.19
N25 QYV F . 20.81 22.15 -6.04
N26 QYV F . 22.93 19.20 -5.54
N27 QYV F . 18.96 24.17 -6.74
O28 QYV F . 21.49 20.21 -3.98
O29 QYV F . 20.29 24.67 -8.53
O30 QYV F . 27.44 21.54 -11.95
O31 QYV F . 27.95 21.07 -9.50
O32 QYV F . 21.55 19.80 -9.92
F33 QYV F . 17.63 19.44 -13.69
F34 QYV F . 20.43 17.39 -10.59
S35 QYV F . 27.33 20.70 -10.77
C4 QYV G . 1.20 -4.83 11.30
C5 QYV G . 3.46 -4.57 12.11
C6 QYV G . 5.51 -6.77 9.35
C7 QYV G . 1.92 -6.13 5.72
C8 QYV G . 3.91 -4.50 10.81
C10 QYV G . 3.01 -4.60 9.78
C13 QYV G . 2.47 -5.92 6.96
C15 QYV G . 7.35 -5.54 9.77
C17 QYV G . 6.07 -3.46 10.97
C20 QYV G . 6.56 -8.74 8.24
C21 QYV G . 9.09 -10.89 6.51
C22 QYV G . 8.16 -2.25 11.21
C24 QYV G . 7.72 -10.48 6.95
C1 QYV G . 2.90 -3.62 6.44
C2 QYV G . 1.67 -4.75 10.02
C3 QYV G . 2.37 -3.81 5.18
C9 QYV G . 6.00 -5.57 9.91
C11 QYV G . 2.93 -4.67 7.32
C12 QYV G . 1.89 -5.07 4.83
C14 QYV G . 2.11 -4.73 12.34
C16 QYV G . 6.60 -7.45 8.86
C18 QYV G . 5.33 -4.48 10.55
C19 QYV G . 8.18 -4.46 10.19
C23 QYV G . 0.51 -3.36 14.15
N25 QYV G . 7.72 -6.70 9.13
N26 QYV G . 7.45 -3.42 10.77
N27 QYV G . 7.69 -9.15 7.57
O28 QYV G . 9.39 -4.43 10.05
O29 QYV G . 5.57 -9.45 8.33
O30 QYV G . 0.61 -5.97 13.97
O31 QYV G . 2.61 -4.81 14.94
O32 QYV G . 3.58 -4.49 8.52
F33 QYV G . 1.40 -5.26 3.61
F34 QYV G . 2.57 -6.93 7.82
S35 QYV G . 1.50 -4.83 14.01
C4 QYV H . -21.55 -8.16 -29.11
C5 QYV H . -21.96 -9.59 -27.21
C6 QYV H . -18.27 -11.25 -26.79
C7 QYV H . -16.24 -5.60 -27.47
C8 QYV H . -20.70 -9.34 -26.74
C10 QYV H . -19.87 -8.49 -27.46
C13 QYV H . -17.24 -6.37 -26.94
C15 QYV H . -18.62 -11.61 -24.58
C17 QYV H . -20.74 -9.91 -24.36
C20 QYV H . -16.29 -12.71 -27.14
C21 QYV H . -13.60 -14.99 -26.33
C22 QYV H . -20.91 -10.40 -21.99
C24 QYV H . -14.18 -13.87 -27.14
C1 QYV H . -16.95 -8.01 -28.66
C2 QYV H . -20.29 -7.90 -28.62
C3 QYV H . -15.92 -7.24 -29.17
C9 QYV H . -19.08 -10.93 -25.67
C11 QYV H . -17.62 -7.54 -27.54
C12 QYV H . -15.59 -6.06 -28.58
C14 QYV H . -22.37 -8.99 -28.38
C16 QYV H . -17.32 -12.14 -26.33
C18 QYV H . -20.17 -10.05 -25.56
C19 QYV H . -19.21 -11.50 -23.28
C23 QYV H . -24.98 -7.99 -28.34
N25 QYV H . -17.55 -12.35 -25.00
N26 QYV H . -20.26 -10.61 -23.26
N27 QYV H . -15.29 -13.30 -26.43
O28 QYV H . -18.81 -12.13 -22.32
O29 QYV H . -16.31 -12.62 -28.36
O30 QYV H . -23.91 -9.08 -30.44
O31 QYV H . -24.47 -10.57 -28.49
O32 QYV H . -18.61 -8.28 -26.91
F33 QYV H . -14.60 -5.29 -29.07
F34 QYV H . -17.87 -5.95 -25.82
S35 QYV H . -24.01 -9.30 -29.01
#